data_5IIM
#
_entry.id   5IIM
#
_cell.length_a   56.274
_cell.length_b   63.700
_cell.length_c   140.725
_cell.angle_alpha   90.00
_cell.angle_beta   90.00
_cell.angle_gamma   90.00
#
_symmetry.space_group_name_H-M   'P 21 21 21'
#
loop_
_entity.id
_entity.type
_entity.pdbx_description
1 polymer 'DNA polymerase lambda'
2 polymer "DNA (5'-D(P*GP*CP*CP*G)-3')"
3 polymer "DNA (5'-D(*CP*AP*GP*TP*AP*A)-3')"
4 polymer "DNA (5'-D(*CP*GP*GP*CP*AP*(8OG)P*TP*AP*CP*TP*G)-3')"
5 non-polymer "2'-DEOXYURIDINE 5'-ALPHA,BETA-IMIDO-TRIPHOSPHATE"
6 non-polymer 'SODIUM ION'
7 water water
#
loop_
_entity_poly.entity_id
_entity_poly.type
_entity_poly.pdbx_seq_one_letter_code
_entity_poly.pdbx_strand_id
1 'polypeptide(L)'
;AQPSSQKATNHNLHITEKLEVLAKAYSVQGDKWRALGYAKAINALKSFHKPVTSYQEACSIPGIGKRMAEKIIEILESGH
LRKLDHISESVPVLELFSNIWGAGTKTAQMWYQQGFRSLEDIRSQASLTTQQAIGLKHYSDFLERMPREEATEIEQTVQK
AAQAFNSGLLCVACGSYRRGKATCGDVDVLITHPDGRSHRGIFSRLLDSLRQEGFLTDDLVSQEENGQQQKYLGVCRLPG
PGRRHRRLDIIVVPYSEFACALLYFTGSAHFNRSMRALAKTKGMSLSEHALSTAVVRNTHGCKVGPGRVLPTPTEKDVFR
LLGLPYREPAERDW
;
A
2 'polydeoxyribonucleotide' (DG)(DC)(DC)(DG) D
3 'polydeoxyribonucleotide' (DC)(DA)(DG)(DT)(DA)(DA) P
4 'polydeoxyribonucleotide' (DC)(DG)(DG)(DC)(DA)(8OG)(DT)(DA)(DC)(DT)(DG) T
#
# COMPACT_ATOMS: atom_id res chain seq x y z
N THR A 9 -8.18 21.96 0.25
CA THR A 9 -7.35 22.48 1.34
C THR A 9 -5.90 22.70 0.90
N ASN A 10 -5.53 22.23 -0.29
CA ASN A 10 -4.15 22.38 -0.76
C ASN A 10 -3.94 23.81 -1.20
N HIS A 11 -3.22 24.58 -0.40
CA HIS A 11 -2.97 25.99 -0.67
C HIS A 11 -1.63 26.21 -1.38
N ASN A 12 -1.00 25.15 -1.87
CA ASN A 12 0.31 25.24 -2.51
C ASN A 12 0.35 24.37 -3.76
N LEU A 13 -0.75 24.38 -4.53
CA LEU A 13 -0.87 23.47 -5.66
C LEU A 13 0.28 23.67 -6.65
N HIS A 14 0.56 24.93 -6.99
CA HIS A 14 1.57 25.20 -8.00
C HIS A 14 2.94 24.63 -7.60
N ILE A 15 3.19 24.50 -6.31
CA ILE A 15 4.46 23.93 -5.85
C ILE A 15 4.41 22.41 -5.92
N THR A 16 3.40 21.80 -5.28
CA THR A 16 3.38 20.35 -5.13
C THR A 16 3.28 19.65 -6.48
N GLU A 17 2.47 20.18 -7.40
CA GLU A 17 2.36 19.57 -8.71
C GLU A 17 3.74 19.39 -9.34
N LYS A 18 4.60 20.38 -9.19
CA LYS A 18 5.96 20.29 -9.74
C LYS A 18 6.82 19.31 -8.96
N LEU A 19 6.71 19.32 -7.62
CA LEU A 19 7.49 18.39 -6.81
C LEU A 19 7.05 16.95 -7.06
N GLU A 20 5.77 16.73 -7.31
CA GLU A 20 5.31 15.36 -7.54
C GLU A 20 5.93 14.76 -8.79
N VAL A 21 6.13 15.58 -9.84
CA VAL A 21 6.79 15.09 -11.03
C VAL A 21 8.19 14.61 -10.68
N LEU A 22 8.93 15.43 -9.95
CA LEU A 22 10.29 15.09 -9.58
C LEU A 22 10.32 13.87 -8.65
N ALA A 23 9.38 13.82 -7.70
CA ALA A 23 9.30 12.68 -6.79
C ALA A 23 9.10 11.38 -7.56
N LYS A 24 8.17 11.38 -8.51
CA LYS A 24 7.87 10.19 -9.28
C LYS A 24 9.06 9.76 -10.13
N ALA A 25 9.81 10.73 -10.66
CA ALA A 25 11.03 10.39 -11.41
C ALA A 25 12.03 9.65 -10.54
N TYR A 26 12.28 10.14 -9.31
CA TYR A 26 13.19 9.43 -8.41
C TYR A 26 12.68 8.03 -8.08
N SER A 27 11.39 7.90 -7.80
CA SER A 27 10.84 6.60 -7.43
C SER A 27 11.08 5.56 -8.52
N VAL A 28 10.74 5.89 -9.76
CA VAL A 28 10.81 4.90 -10.83
C VAL A 28 12.24 4.64 -11.28
N GLN A 29 13.16 5.53 -10.97
CA GLN A 29 14.58 5.27 -11.17
C GLN A 29 15.21 4.54 -10.00
N GLY A 30 14.44 4.24 -8.96
CA GLY A 30 14.91 3.41 -7.86
C GLY A 30 15.56 4.14 -6.71
N ASP A 31 15.58 5.47 -6.72
CA ASP A 31 16.17 6.24 -5.62
C ASP A 31 15.09 6.41 -4.55
N LYS A 32 14.86 5.33 -3.82
CA LYS A 32 13.65 5.26 -2.99
C LYS A 32 13.75 6.18 -1.78
N TRP A 33 14.92 6.32 -1.16
CA TRP A 33 14.99 7.20 0.01
C TRP A 33 14.83 8.66 -0.38
N ARG A 34 15.42 9.07 -1.49
CA ARG A 34 15.22 10.45 -1.94
C ARG A 34 13.75 10.68 -2.29
N ALA A 35 13.11 9.68 -2.91
CA ALA A 35 11.69 9.81 -3.22
C ALA A 35 10.84 9.84 -1.95
N LEU A 36 11.25 9.09 -0.92
CA LEU A 36 10.55 9.16 0.37
C LEU A 36 10.61 10.57 0.93
N GLY A 37 11.78 11.19 0.91
CA GLY A 37 11.92 12.57 1.36
C GLY A 37 10.97 13.52 0.63
N TYR A 38 10.90 13.40 -0.71
CA TYR A 38 9.98 14.26 -1.46
C TYR A 38 8.53 13.98 -1.07
N ALA A 39 8.18 12.71 -0.87
CA ALA A 39 6.81 12.38 -0.48
C ALA A 39 6.46 12.99 0.87
N LYS A 40 7.42 12.99 1.80
CA LYS A 40 7.22 13.61 3.10
C LYS A 40 6.98 15.11 2.96
N ALA A 41 7.82 15.78 2.16
CA ALA A 41 7.68 17.22 1.99
C ALA A 41 6.39 17.57 1.26
N ILE A 42 6.02 16.77 0.25
CA ILE A 42 4.82 17.08 -0.51
C ILE A 42 3.58 17.02 0.37
N ASN A 43 3.50 16.01 1.24
CA ASN A 43 2.37 15.94 2.15
C ASN A 43 2.36 17.14 3.10
N ALA A 44 3.52 17.52 3.62
CA ALA A 44 3.58 18.66 4.52
C ALA A 44 3.12 19.94 3.83
N LEU A 45 3.31 20.04 2.51
CA LEU A 45 2.87 21.22 1.78
C LEU A 45 1.37 21.16 1.49
N LYS A 46 0.87 19.99 1.10
CA LYS A 46 -0.55 19.85 0.86
C LYS A 46 -1.40 20.21 2.07
N SER A 47 -0.82 20.17 3.28
CA SER A 47 -1.59 20.34 4.51
C SER A 47 -1.25 21.60 5.29
N PHE A 48 -0.32 22.43 4.82
CA PHE A 48 -0.06 23.71 5.46
C PHE A 48 -1.27 24.62 5.30
N HIS A 49 -1.56 25.42 6.34
CA HIS A 49 -2.80 26.20 6.37
C HIS A 49 -2.80 27.34 5.37
N LYS A 50 -1.64 27.83 4.97
CA LYS A 50 -1.52 28.97 4.09
C LYS A 50 -0.67 28.65 2.87
N PRO A 51 -0.77 29.45 1.82
CA PRO A 51 0.32 29.50 0.83
C PRO A 51 1.65 29.74 1.52
N VAL A 52 2.62 28.88 1.24
CA VAL A 52 3.99 29.12 1.68
C VAL A 52 4.59 30.17 0.77
N THR A 53 5.13 31.24 1.36
CA THR A 53 5.53 32.42 0.60
C THR A 53 6.99 32.84 0.81
N SER A 54 7.77 32.10 1.60
CA SER A 54 9.14 32.54 1.86
C SER A 54 10.00 31.35 2.25
N TYR A 55 11.32 31.52 2.01
CA TYR A 55 12.29 30.49 2.37
C TYR A 55 12.30 30.24 3.87
N GLN A 56 12.17 31.30 4.68
CA GLN A 56 12.18 31.12 6.13
C GLN A 56 10.95 30.35 6.59
N GLU A 57 9.80 30.64 5.98
CA GLU A 57 8.58 29.93 6.33
C GLU A 57 8.64 28.47 5.88
N ALA A 58 9.12 28.22 4.65
CA ALA A 58 9.21 26.85 4.15
C ALA A 58 10.07 25.99 5.07
N CYS A 59 11.17 26.56 5.59
CA CYS A 59 12.07 25.79 6.45
C CYS A 59 11.42 25.42 7.77
N SER A 60 10.47 26.23 8.26
CA SER A 60 9.87 25.99 9.57
C SER A 60 8.98 24.76 9.59
N ILE A 61 8.63 24.21 8.44
CA ILE A 61 7.65 23.14 8.35
C ILE A 61 8.35 21.79 8.47
N PRO A 62 7.95 20.91 9.38
CA PRO A 62 8.59 19.59 9.45
C PRO A 62 8.48 18.86 8.14
N GLY A 63 9.60 18.24 7.73
CA GLY A 63 9.69 17.55 6.47
C GLY A 63 10.27 18.38 5.35
N ILE A 64 10.44 19.68 5.55
CA ILE A 64 11.05 20.56 4.56
C ILE A 64 12.36 21.07 5.12
N GLY A 65 13.45 20.84 4.38
CA GLY A 65 14.75 21.33 4.75
C GLY A 65 15.23 22.45 3.82
N LYS A 66 16.50 22.81 4.00
CA LYS A 66 17.09 23.86 3.19
C LYS A 66 16.97 23.55 1.70
N ARG A 67 17.27 22.31 1.31
CA ARG A 67 17.26 21.94 -0.10
C ARG A 67 15.86 22.06 -0.70
N MET A 68 14.86 21.50 -0.01
CA MET A 68 13.50 21.60 -0.49
C MET A 68 13.01 23.04 -0.45
N ALA A 69 13.46 23.82 0.53
CA ALA A 69 13.04 25.21 0.64
C ALA A 69 13.52 26.03 -0.54
N GLU A 70 14.72 25.78 -1.06
CA GLU A 70 15.22 26.58 -2.17
C GLU A 70 14.63 26.13 -3.50
N LYS A 71 14.06 24.92 -3.57
CA LYS A 71 13.24 24.56 -4.72
C LYS A 71 11.88 25.26 -4.67
N ILE A 72 11.26 25.31 -3.49
CA ILE A 72 9.97 25.96 -3.35
C ILE A 72 10.07 27.43 -3.76
N ILE A 73 11.10 28.11 -3.28
CA ILE A 73 11.23 29.54 -3.56
C ILE A 73 11.64 29.76 -5.01
N GLU A 74 12.36 28.82 -5.63
CA GLU A 74 12.64 28.94 -7.06
C GLU A 74 11.34 28.89 -7.84
N ILE A 75 10.43 27.99 -7.47
CA ILE A 75 9.12 27.89 -8.11
C ILE A 75 8.34 29.18 -7.90
N LEU A 76 8.36 29.71 -6.67
CA LEU A 76 7.53 30.87 -6.35
C LEU A 76 7.92 32.08 -7.19
N GLU A 77 9.22 32.36 -7.25
CA GLU A 77 9.69 33.56 -7.94
C GLU A 77 9.56 33.44 -9.45
N SER A 78 9.74 32.24 -10.01
CA SER A 78 9.87 32.09 -11.46
C SER A 78 8.81 31.21 -12.11
N GLY A 79 7.93 30.57 -11.33
CA GLY A 79 6.94 29.67 -11.89
C GLY A 79 7.48 28.39 -12.50
N HIS A 80 8.80 28.18 -12.48
CA HIS A 80 9.41 26.99 -13.06
C HIS A 80 10.38 26.36 -12.08
N LEU A 81 10.76 25.11 -12.39
CA LEU A 81 11.74 24.37 -11.60
C LEU A 81 12.78 23.81 -12.56
N ARG A 82 13.98 24.39 -12.54
CA ARG A 82 15.00 24.03 -13.52
C ARG A 82 15.24 22.53 -13.58
N LYS A 83 15.22 21.84 -12.44
CA LYS A 83 15.57 20.43 -12.40
C LYS A 83 14.63 19.58 -13.25
N LEU A 84 13.36 19.99 -13.38
CA LEU A 84 12.43 19.25 -14.22
C LEU A 84 12.93 19.15 -15.65
N ASP A 85 13.52 20.21 -16.18
CA ASP A 85 13.95 20.24 -17.57
C ASP A 85 15.06 19.25 -17.86
N HIS A 86 15.68 18.67 -16.85
CA HIS A 86 16.77 17.71 -17.05
C HIS A 86 16.40 16.33 -16.52
N ILE A 87 15.12 16.04 -16.37
CA ILE A 87 14.69 14.67 -16.08
C ILE A 87 14.97 13.81 -17.30
N SER A 88 15.51 12.63 -17.06
CA SER A 88 15.83 11.72 -18.15
C SER A 88 14.60 11.43 -19.00
N GLU A 89 14.82 11.30 -20.31
CA GLU A 89 13.74 11.00 -21.24
C GLU A 89 13.14 9.62 -21.00
N SER A 90 13.85 8.75 -20.30
CA SER A 90 13.38 7.40 -19.98
C SER A 90 12.25 7.36 -18.96
N VAL A 91 12.02 8.44 -18.20
CA VAL A 91 11.14 8.34 -17.03
C VAL A 91 9.70 8.00 -17.41
N PRO A 92 9.11 8.59 -18.45
CA PRO A 92 7.74 8.16 -18.81
C PRO A 92 7.64 6.70 -19.21
N VAL A 93 8.65 6.18 -19.92
CA VAL A 93 8.62 4.76 -20.28
C VAL A 93 8.83 3.88 -19.05
N LEU A 94 9.72 4.28 -18.14
CA LEU A 94 9.90 3.52 -16.92
C LEU A 94 8.62 3.47 -16.09
N GLU A 95 7.89 4.58 -16.06
CA GLU A 95 6.62 4.62 -15.35
C GLU A 95 5.59 3.71 -16.01
N LEU A 96 5.54 3.72 -17.35
CA LEU A 96 4.66 2.83 -18.07
C LEU A 96 4.91 1.38 -17.68
N PHE A 97 6.19 0.97 -17.70
CA PHE A 97 6.54 -0.42 -17.44
C PHE A 97 6.30 -0.79 -15.98
N SER A 98 6.63 0.11 -15.05
CA SER A 98 6.51 -0.25 -13.64
C SER A 98 5.06 -0.22 -13.15
N ASN A 99 4.13 0.26 -13.99
CA ASN A 99 2.70 0.08 -13.70
C ASN A 99 2.18 -1.29 -14.12
N ILE A 100 3.02 -2.16 -14.69
CA ILE A 100 2.68 -3.57 -14.80
C ILE A 100 2.83 -4.19 -13.41
N TRP A 101 1.75 -4.80 -12.91
CA TRP A 101 1.82 -5.51 -11.63
C TRP A 101 2.85 -6.63 -11.69
N GLY A 102 3.78 -6.62 -10.75
CA GLY A 102 4.85 -7.60 -10.72
C GLY A 102 6.15 -7.12 -11.33
N ALA A 103 6.17 -5.94 -11.95
CA ALA A 103 7.40 -5.34 -12.45
C ALA A 103 7.69 -4.07 -11.65
N GLY A 104 8.91 -3.97 -11.11
CA GLY A 104 9.35 -2.79 -10.40
C GLY A 104 10.44 -2.06 -11.16
N THR A 105 11.17 -1.20 -10.43
CA THR A 105 12.20 -0.37 -11.06
CA THR A 105 12.20 -0.38 -11.06
C THR A 105 13.27 -1.22 -11.74
N LYS A 106 13.68 -2.35 -11.13
CA LYS A 106 14.74 -3.15 -11.72
C LYS A 106 14.29 -3.74 -13.06
N THR A 107 13.09 -4.29 -13.10
CA THR A 107 12.60 -4.86 -14.36
C THR A 107 12.37 -3.77 -15.39
N ALA A 108 11.74 -2.66 -14.99
CA ALA A 108 11.51 -1.58 -15.93
C ALA A 108 12.83 -1.09 -16.52
N GLN A 109 13.86 -0.96 -15.67
CA GLN A 109 15.15 -0.49 -16.17
C GLN A 109 15.81 -1.50 -17.11
N MET A 110 15.63 -2.80 -16.85
CA MET A 110 16.19 -3.82 -17.75
C MET A 110 15.48 -3.78 -19.11
N TRP A 111 14.15 -3.75 -19.10
CA TRP A 111 13.40 -3.65 -20.35
C TRP A 111 13.80 -2.41 -21.14
N TYR A 112 14.00 -1.29 -20.46
CA TYR A 112 14.41 -0.08 -21.14
C TYR A 112 15.79 -0.24 -21.76
N GLN A 113 16.74 -0.78 -21.00
CA GLN A 113 18.08 -0.99 -21.52
C GLN A 113 18.04 -1.91 -22.72
N GLN A 114 17.14 -2.90 -22.71
CA GLN A 114 16.99 -3.82 -23.84
C GLN A 114 16.31 -3.18 -25.05
N GLY A 115 15.93 -1.91 -24.98
CA GLY A 115 15.40 -1.21 -26.13
C GLY A 115 13.89 -1.09 -26.19
N PHE A 116 13.17 -1.61 -25.20
CA PHE A 116 11.71 -1.59 -25.26
C PHE A 116 11.19 -0.21 -24.83
N ARG A 117 10.15 0.25 -25.51
CA ARG A 117 9.61 1.58 -25.29
C ARG A 117 8.10 1.61 -25.13
N SER A 118 7.41 0.51 -25.39
CA SER A 118 5.96 0.50 -25.39
C SER A 118 5.49 -0.82 -24.83
N LEU A 119 4.22 -0.85 -24.40
CA LEU A 119 3.65 -2.12 -23.99
C LEU A 119 3.55 -3.10 -25.14
N GLU A 120 3.46 -2.61 -26.37
CA GLU A 120 3.52 -3.49 -27.52
C GLU A 120 4.90 -4.17 -27.61
N ASP A 121 5.97 -3.42 -27.35
CA ASP A 121 7.30 -4.04 -27.25
C ASP A 121 7.34 -5.13 -26.18
N ILE A 122 6.78 -4.84 -25.00
CA ILE A 122 6.78 -5.81 -23.91
C ILE A 122 6.04 -7.07 -24.32
N ARG A 123 4.82 -6.90 -24.81
CA ARG A 123 3.98 -8.04 -25.20
C ARG A 123 4.70 -8.92 -26.22
N SER A 124 5.33 -8.33 -27.22
CA SER A 124 5.84 -9.10 -28.33
C SER A 124 7.26 -9.61 -28.13
N GLN A 125 8.06 -8.98 -27.26
CA GLN A 125 9.49 -9.27 -27.20
C GLN A 125 10.04 -9.53 -25.81
N ALA A 126 9.39 -9.09 -24.74
CA ALA A 126 10.01 -9.15 -23.43
C ALA A 126 9.77 -10.51 -22.77
N SER A 127 10.71 -10.91 -21.92
CA SER A 127 10.48 -12.02 -21.01
C SER A 127 9.59 -11.54 -19.87
N LEU A 128 8.49 -12.27 -19.63
CA LEU A 128 7.54 -11.91 -18.57
C LEU A 128 7.41 -13.04 -17.56
N THR A 129 7.39 -12.68 -16.30
CA THR A 129 7.00 -13.63 -15.28
C THR A 129 5.50 -13.93 -15.40
N THR A 130 5.09 -15.01 -14.75
CA THR A 130 3.66 -15.35 -14.69
C THR A 130 2.84 -14.20 -14.16
N GLN A 131 3.31 -13.54 -13.09
CA GLN A 131 2.58 -12.39 -12.52
C GLN A 131 2.52 -11.24 -13.52
N GLN A 132 3.65 -10.96 -14.16
CA GLN A 132 3.74 -9.81 -15.05
C GLN A 132 2.84 -9.97 -16.27
N ALA A 133 2.70 -11.21 -16.76
CA ALA A 133 1.80 -11.46 -17.87
C ALA A 133 0.36 -11.21 -17.46
N ILE A 134 0.01 -11.53 -16.21
CA ILE A 134 -1.33 -11.21 -15.72
C ILE A 134 -1.47 -9.70 -15.56
N GLY A 135 -0.43 -9.06 -14.99
CA GLY A 135 -0.43 -7.62 -14.88
C GLY A 135 -0.65 -6.94 -16.22
N LEU A 136 -0.02 -7.47 -17.27
CA LEU A 136 -0.12 -6.82 -18.57
C LEU A 136 -1.51 -7.01 -19.18
N LYS A 137 -2.07 -8.21 -19.04
CA LYS A 137 -3.41 -8.48 -19.54
C LYS A 137 -4.46 -7.59 -18.88
N HIS A 138 -4.24 -7.21 -17.62
CA HIS A 138 -5.16 -6.36 -16.89
C HIS A 138 -4.60 -4.95 -16.68
N TYR A 139 -3.78 -4.48 -17.62
CA TYR A 139 -3.06 -3.24 -17.40
C TYR A 139 -3.99 -2.07 -17.05
N SER A 140 -4.99 -1.82 -17.90
CA SER A 140 -5.91 -0.70 -17.64
C SER A 140 -6.72 -0.95 -16.37
N ASP A 141 -7.30 -2.14 -16.24
CA ASP A 141 -8.12 -2.46 -15.08
C ASP A 141 -7.39 -2.22 -13.77
N PHE A 142 -6.12 -2.62 -13.68
CA PHE A 142 -5.41 -2.46 -12.41
C PHE A 142 -5.04 -1.01 -12.10
N LEU A 143 -5.16 -0.11 -13.06
CA LEU A 143 -4.95 1.30 -12.81
C LEU A 143 -6.22 2.04 -12.43
N GLU A 144 -7.39 1.44 -12.60
CA GLU A 144 -8.64 2.10 -12.28
C GLU A 144 -8.98 1.85 -10.82
N ARG A 145 -9.69 2.79 -10.23
CA ARG A 145 -10.18 2.62 -8.87
C ARG A 145 -11.67 2.32 -8.94
N MET A 146 -12.11 1.36 -8.13
CA MET A 146 -13.53 1.03 -8.18
C MET A 146 -14.31 1.90 -7.20
N PRO A 147 -15.61 2.14 -7.44
CA PRO A 147 -16.43 2.80 -6.42
C PRO A 147 -16.54 1.92 -5.18
N ARG A 148 -16.64 2.56 -4.01
CA ARG A 148 -16.57 1.76 -2.78
C ARG A 148 -17.75 0.82 -2.67
N GLU A 149 -18.88 1.16 -3.31
CA GLU A 149 -20.04 0.26 -3.34
C GLU A 149 -19.72 -1.06 -4.04
N GLU A 150 -18.83 -1.05 -5.03
CA GLU A 150 -18.41 -2.30 -5.65
C GLU A 150 -17.50 -3.09 -4.72
N ALA A 151 -16.65 -2.38 -3.96
CA ALA A 151 -15.84 -3.07 -2.96
C ALA A 151 -16.73 -3.78 -1.94
N THR A 152 -17.83 -3.15 -1.54
CA THR A 152 -18.77 -3.83 -0.64
C THR A 152 -19.27 -5.13 -1.25
N GLU A 153 -19.66 -5.10 -2.52
CA GLU A 153 -20.14 -6.29 -3.20
C GLU A 153 -19.08 -7.39 -3.21
N ILE A 154 -17.82 -7.01 -3.39
CA ILE A 154 -16.74 -7.99 -3.39
C ILE A 154 -16.53 -8.55 -1.99
N GLU A 155 -16.49 -7.69 -0.97
CA GLU A 155 -16.36 -8.18 0.40
C GLU A 155 -17.48 -9.17 0.73
N GLN A 156 -18.71 -8.86 0.31
CA GLN A 156 -19.84 -9.72 0.62
C GLN A 156 -19.75 -11.06 -0.10
N THR A 157 -19.24 -11.05 -1.34
CA THR A 157 -18.98 -12.30 -2.05
C THR A 157 -18.02 -13.18 -1.27
N VAL A 158 -16.95 -12.59 -0.75
CA VAL A 158 -15.97 -13.36 0.00
C VAL A 158 -16.56 -13.81 1.34
N GLN A 159 -17.30 -12.91 2.01
CA GLN A 159 -17.87 -13.24 3.30
C GLN A 159 -18.90 -14.35 3.18
N LYS A 160 -19.73 -14.31 2.14
CA LYS A 160 -20.75 -15.33 1.99
C LYS A 160 -20.12 -16.70 1.73
N ALA A 161 -19.02 -16.72 0.98
CA ALA A 161 -18.37 -17.99 0.69
C ALA A 161 -17.65 -18.54 1.92
N ALA A 162 -17.02 -17.66 2.72
CA ALA A 162 -16.34 -18.15 3.92
C ALA A 162 -17.34 -18.64 4.95
N GLN A 163 -18.43 -17.91 5.14
CA GLN A 163 -19.42 -18.26 6.16
C GLN A 163 -20.29 -19.43 5.74
N ALA A 164 -20.27 -19.81 4.47
CA ALA A 164 -21.02 -20.97 4.03
C ALA A 164 -20.44 -22.26 4.57
N PHE A 165 -19.12 -22.32 4.81
CA PHE A 165 -18.52 -23.51 5.39
C PHE A 165 -18.10 -23.33 6.85
N ASN A 166 -18.05 -22.10 7.37
CA ASN A 166 -17.96 -21.88 8.81
C ASN A 166 -18.60 -20.55 9.14
N SER A 167 -19.79 -20.61 9.72
CA SER A 167 -20.59 -19.40 9.98
C SER A 167 -19.95 -18.49 11.02
N GLY A 168 -18.99 -19.01 11.80
CA GLY A 168 -18.35 -18.21 12.84
C GLY A 168 -17.27 -17.28 12.33
N LEU A 169 -16.93 -17.35 11.05
CA LEU A 169 -15.83 -16.57 10.54
C LEU A 169 -16.19 -15.10 10.45
N LEU A 170 -15.28 -14.25 10.93
CA LEU A 170 -15.42 -12.81 10.82
C LEU A 170 -14.64 -12.32 9.61
N CYS A 171 -15.29 -11.55 8.74
CA CYS A 171 -14.66 -10.98 7.56
C CYS A 171 -14.89 -9.48 7.56
N VAL A 172 -13.83 -8.71 7.30
CA VAL A 172 -13.87 -7.26 7.35
C VAL A 172 -13.00 -6.70 6.24
N ALA A 173 -13.57 -5.77 5.45
CA ALA A 173 -12.78 -5.08 4.42
C ALA A 173 -11.99 -3.96 5.08
N CYS A 174 -10.71 -3.88 4.73
CA CYS A 174 -9.79 -2.94 5.35
C CYS A 174 -9.30 -1.95 4.29
N GLY A 175 -8.01 -1.65 4.29
CA GLY A 175 -7.44 -0.63 3.43
C GLY A 175 -8.26 0.64 3.28
N SER A 176 -8.21 1.18 2.06
CA SER A 176 -8.88 2.44 1.73
C SER A 176 -10.37 2.36 2.01
N TYR A 177 -10.95 1.16 1.89
CA TYR A 177 -12.37 1.00 2.16
C TYR A 177 -12.71 1.35 3.60
N ARG A 178 -12.01 0.72 4.55
CA ARG A 178 -12.26 0.97 5.96
C ARG A 178 -11.89 2.40 6.35
N ARG A 179 -10.93 3.01 5.66
CA ARG A 179 -10.64 4.42 5.93
C ARG A 179 -11.67 5.37 5.30
N GLY A 180 -12.69 4.84 4.63
CA GLY A 180 -13.82 5.65 4.19
C GLY A 180 -13.67 6.32 2.84
N LYS A 181 -12.71 5.92 2.02
CA LYS A 181 -12.49 6.57 0.74
C LYS A 181 -13.63 6.27 -0.22
N ALA A 182 -13.87 7.20 -1.16
CA ALA A 182 -14.97 7.02 -2.11
C ALA A 182 -14.65 5.97 -3.18
N THR A 183 -13.37 5.75 -3.46
CA THR A 183 -12.94 4.75 -4.44
C THR A 183 -11.79 3.94 -3.86
N CYS A 184 -11.61 2.75 -4.41
CA CYS A 184 -10.69 1.77 -3.85
C CYS A 184 -9.87 1.15 -4.96
N GLY A 185 -8.56 1.02 -4.72
CA GLY A 185 -7.68 0.43 -5.71
C GLY A 185 -7.84 -1.08 -5.77
N ASP A 186 -8.19 -1.68 -4.63
CA ASP A 186 -8.44 -3.10 -4.51
C ASP A 186 -9.40 -3.29 -3.35
N VAL A 187 -9.67 -4.53 -3.02
CA VAL A 187 -10.43 -4.87 -1.83
C VAL A 187 -9.53 -5.74 -0.96
N ASP A 188 -9.35 -5.34 0.31
CA ASP A 188 -8.50 -6.01 1.28
C ASP A 188 -9.39 -6.64 2.34
N VAL A 189 -9.51 -7.96 2.32
CA VAL A 189 -10.42 -8.68 3.20
C VAL A 189 -9.63 -9.43 4.24
N LEU A 190 -9.88 -9.13 5.51
CA LEU A 190 -9.28 -9.79 6.66
C LEU A 190 -10.28 -10.80 7.21
N ILE A 191 -9.81 -12.03 7.47
CA ILE A 191 -10.65 -13.10 7.97
C ILE A 191 -10.03 -13.68 9.23
N THR A 192 -10.83 -13.88 10.27
CA THR A 192 -10.36 -14.53 11.47
C THR A 192 -11.52 -15.29 12.08
N HIS A 193 -11.23 -16.04 13.15
CA HIS A 193 -12.29 -16.76 13.85
C HIS A 193 -12.19 -16.47 15.35
N PRO A 194 -13.28 -16.00 15.99
CA PRO A 194 -13.21 -15.65 17.42
C PRO A 194 -12.90 -16.78 18.39
N ASP A 195 -12.78 -18.03 17.93
CA ASP A 195 -12.51 -19.12 18.87
C ASP A 195 -11.03 -19.45 18.98
N GLY A 196 -10.27 -19.41 17.89
CA GLY A 196 -8.83 -19.51 17.99
C GLY A 196 -8.17 -20.63 17.21
N ARG A 197 -8.94 -21.40 16.44
CA ARG A 197 -8.40 -22.58 15.77
C ARG A 197 -8.96 -22.77 14.37
N SER A 198 -10.25 -22.42 14.19
CA SER A 198 -10.94 -22.74 12.94
C SER A 198 -10.39 -22.00 11.73
N HIS A 199 -9.55 -20.99 11.92
CA HIS A 199 -8.89 -20.32 10.81
C HIS A 199 -7.89 -21.22 10.08
N ARG A 200 -7.65 -22.44 10.58
CA ARG A 200 -6.77 -23.39 9.92
C ARG A 200 -7.46 -24.04 8.72
N GLY A 201 -6.76 -24.08 7.59
CA GLY A 201 -7.27 -24.73 6.39
C GLY A 201 -8.35 -23.97 5.65
N ILE A 202 -8.63 -22.71 6.00
CA ILE A 202 -9.76 -22.04 5.36
C ILE A 202 -9.38 -21.55 3.96
N PHE A 203 -8.13 -21.16 3.73
CA PHE A 203 -7.73 -20.69 2.39
C PHE A 203 -8.11 -21.71 1.33
N SER A 204 -7.78 -22.99 1.57
CA SER A 204 -8.07 -24.01 0.56
C SER A 204 -9.56 -24.07 0.26
N ARG A 205 -10.39 -24.11 1.31
CA ARG A 205 -11.83 -24.19 1.10
C ARG A 205 -12.38 -22.91 0.49
N LEU A 206 -11.91 -21.76 0.97
CA LEU A 206 -12.39 -20.48 0.46
C LEU A 206 -12.07 -20.32 -1.02
N LEU A 207 -10.81 -20.49 -1.40
CA LEU A 207 -10.42 -20.26 -2.78
C LEU A 207 -11.13 -21.24 -3.72
N ASP A 208 -11.29 -22.50 -3.29
CA ASP A 208 -12.03 -23.44 -4.12
C ASP A 208 -13.47 -22.97 -4.30
N SER A 209 -14.10 -22.48 -3.24
CA SER A 209 -15.48 -22.03 -3.34
C SER A 209 -15.61 -20.82 -4.27
N LEU A 210 -14.64 -19.90 -4.22
CA LEU A 210 -14.68 -18.73 -5.09
C LEU A 210 -14.32 -19.07 -6.53
N ARG A 211 -13.59 -20.16 -6.76
CA ARG A 211 -13.30 -20.62 -8.11
C ARG A 211 -14.49 -21.36 -8.72
N GLN A 212 -15.20 -22.15 -7.91
CA GLN A 212 -16.33 -22.92 -8.44
C GLN A 212 -17.42 -21.99 -8.96
N GLU A 213 -17.61 -20.84 -8.30
CA GLU A 213 -18.63 -19.90 -8.74
C GLU A 213 -18.12 -18.92 -9.79
N GLY A 214 -16.87 -19.07 -10.23
CA GLY A 214 -16.33 -18.27 -11.31
C GLY A 214 -15.83 -16.90 -10.93
N PHE A 215 -15.76 -16.59 -9.64
CA PHE A 215 -15.48 -15.23 -9.16
C PHE A 215 -14.01 -14.85 -9.31
N LEU A 216 -13.11 -15.75 -8.94
CA LEU A 216 -11.68 -15.50 -9.16
C LEU A 216 -11.33 -15.78 -10.62
N THR A 217 -10.54 -14.88 -11.21
CA THR A 217 -10.14 -15.02 -12.59
C THR A 217 -8.64 -15.27 -12.80
N ASP A 218 -7.80 -14.87 -11.85
CA ASP A 218 -6.35 -15.09 -11.95
C ASP A 218 -5.76 -14.97 -10.55
N ASP A 219 -4.64 -15.66 -10.35
CA ASP A 219 -3.91 -15.66 -9.08
C ASP A 219 -2.55 -15.01 -9.30
N LEU A 220 -2.20 -14.04 -8.44
CA LEU A 220 -0.88 -13.44 -8.48
C LEU A 220 0.06 -14.06 -7.44
N VAL A 221 -0.43 -14.21 -6.21
CA VAL A 221 0.34 -14.72 -5.08
C VAL A 221 -0.58 -15.63 -4.29
N SER A 222 -0.22 -16.89 -4.18
CA SER A 222 -1.06 -17.88 -3.52
C SER A 222 -0.29 -19.17 -3.34
N GLN A 223 0.35 -19.34 -2.18
CA GLN A 223 1.15 -20.54 -1.91
C GLN A 223 0.21 -21.55 -1.26
N GLU A 224 -0.38 -22.43 -2.07
CA GLU A 224 -1.40 -23.36 -1.61
C GLU A 224 -0.87 -24.76 -1.35
N GLU A 225 0.45 -24.93 -1.23
CA GLU A 225 1.06 -26.26 -1.21
C GLU A 225 1.16 -26.84 0.20
N ASN A 226 1.65 -26.08 1.18
CA ASN A 226 2.00 -26.63 2.48
C ASN A 226 1.05 -26.23 3.60
N GLY A 227 0.00 -25.47 3.31
CA GLY A 227 -1.02 -25.15 4.30
C GLY A 227 -0.72 -23.97 5.20
N GLN A 228 0.48 -23.39 5.14
CA GLN A 228 0.83 -22.23 5.94
C GLN A 228 0.51 -20.92 5.24
N GLN A 229 -0.28 -20.95 4.18
CA GLN A 229 -0.61 -19.74 3.43
C GLN A 229 -1.09 -18.65 4.35
N GLN A 230 -0.55 -17.45 4.19
CA GLN A 230 -1.06 -16.30 4.93
C GLN A 230 -1.79 -15.29 4.06
N LYS A 231 -1.46 -15.19 2.78
CA LYS A 231 -2.11 -14.19 1.95
C LYS A 231 -2.49 -14.78 0.59
N TYR A 232 -3.56 -14.22 0.04
CA TYR A 232 -3.94 -14.45 -1.34
C TYR A 232 -4.04 -13.09 -2.00
N LEU A 233 -3.31 -12.90 -3.10
CA LEU A 233 -3.43 -11.73 -3.95
C LEU A 233 -3.87 -12.18 -5.33
N GLY A 234 -4.98 -11.66 -5.80
CA GLY A 234 -5.49 -12.12 -7.07
C GLY A 234 -6.45 -11.17 -7.69
N VAL A 235 -7.26 -11.73 -8.58
CA VAL A 235 -8.10 -10.95 -9.47
C VAL A 235 -9.48 -11.58 -9.47
N CYS A 236 -10.51 -10.75 -9.33
CA CYS A 236 -11.88 -11.23 -9.32
C CYS A 236 -12.72 -10.38 -10.26
N ARG A 237 -13.94 -10.84 -10.55
CA ARG A 237 -14.89 -10.06 -11.34
C ARG A 237 -16.31 -10.47 -10.98
N LEU A 238 -17.14 -9.47 -10.64
CA LEU A 238 -18.51 -9.75 -10.30
C LEU A 238 -19.28 -10.16 -11.56
N PRO A 239 -20.37 -10.89 -11.39
CA PRO A 239 -21.13 -11.35 -12.57
C PRO A 239 -21.93 -10.23 -13.22
N GLY A 240 -22.25 -10.44 -14.50
CA GLY A 240 -23.12 -9.56 -15.23
C GLY A 240 -22.41 -8.56 -16.10
N PRO A 241 -23.18 -7.79 -16.85
CA PRO A 241 -22.59 -6.82 -17.78
C PRO A 241 -21.99 -5.62 -17.06
N GLY A 242 -21.10 -4.94 -17.76
CA GLY A 242 -20.50 -3.72 -17.23
C GLY A 242 -19.54 -3.90 -16.09
N ARG A 243 -18.98 -5.09 -15.89
CA ARG A 243 -18.08 -5.35 -14.78
C ARG A 243 -16.63 -5.41 -15.26
N ARG A 244 -15.74 -4.82 -14.46
CA ARG A 244 -14.30 -4.86 -14.68
C ARG A 244 -13.66 -5.89 -13.76
N HIS A 245 -12.48 -6.34 -14.17
CA HIS A 245 -11.66 -7.15 -13.28
C HIS A 245 -11.08 -6.29 -12.17
N ARG A 246 -11.12 -6.79 -10.94
CA ARG A 246 -10.66 -6.05 -9.76
C ARG A 246 -9.65 -6.86 -8.95
N ARG A 247 -8.71 -6.13 -8.34
CA ARG A 247 -7.71 -6.72 -7.47
C ARG A 247 -8.32 -7.08 -6.10
N LEU A 248 -8.03 -8.29 -5.64
CA LEU A 248 -8.51 -8.80 -4.37
C LEU A 248 -7.34 -9.31 -3.55
N ASP A 249 -7.22 -8.84 -2.31
CA ASP A 249 -6.24 -9.33 -1.36
C ASP A 249 -6.96 -9.90 -0.15
N ILE A 250 -6.61 -11.12 0.25
CA ILE A 250 -7.21 -11.78 1.41
C ILE A 250 -6.10 -12.20 2.35
N ILE A 251 -6.29 -11.94 3.65
CA ILE A 251 -5.40 -12.50 4.67
C ILE A 251 -6.26 -13.16 5.72
N VAL A 252 -5.73 -14.24 6.31
CA VAL A 252 -6.41 -15.04 7.32
C VAL A 252 -5.47 -15.11 8.51
N VAL A 253 -5.96 -14.71 9.69
CA VAL A 253 -5.07 -14.54 10.83
C VAL A 253 -5.63 -15.22 12.07
N PRO A 254 -4.79 -15.66 13.02
CA PRO A 254 -5.31 -16.10 14.32
C PRO A 254 -5.99 -14.95 15.05
N TYR A 255 -7.02 -15.30 15.84
CA TYR A 255 -7.78 -14.27 16.54
C TYR A 255 -6.89 -13.41 17.42
N SER A 256 -5.90 -13.99 18.08
CA SER A 256 -5.07 -13.21 18.98
C SER A 256 -4.30 -12.13 18.24
N GLU A 257 -4.19 -12.24 16.91
CA GLU A 257 -3.50 -11.26 16.09
C GLU A 257 -4.44 -10.28 15.40
N PHE A 258 -5.75 -10.37 15.70
CA PHE A 258 -6.76 -9.63 14.93
C PHE A 258 -6.57 -8.12 15.01
N ALA A 259 -6.29 -7.57 16.19
CA ALA A 259 -6.13 -6.12 16.28
C ALA A 259 -4.92 -5.63 15.47
N CYS A 260 -3.78 -6.33 15.59
CA CYS A 260 -2.61 -5.89 14.84
C CYS A 260 -2.77 -6.13 13.34
N ALA A 261 -3.47 -7.18 12.94
CA ALA A 261 -3.73 -7.41 11.51
C ALA A 261 -4.67 -6.36 10.95
N LEU A 262 -5.71 -6.02 11.72
CA LEU A 262 -6.63 -4.96 11.31
C LEU A 262 -5.90 -3.62 11.16
N LEU A 263 -5.08 -3.29 12.15
CA LEU A 263 -4.29 -2.05 12.09
C LEU A 263 -3.43 -2.01 10.84
N TYR A 264 -2.59 -3.03 10.66
CA TYR A 264 -1.74 -3.15 9.48
C TYR A 264 -2.53 -3.01 8.18
N PHE A 265 -3.61 -3.77 8.03
CA PHE A 265 -4.30 -3.89 6.76
C PHE A 265 -5.22 -2.70 6.47
N THR A 266 -5.57 -1.91 7.49
CA THR A 266 -6.29 -0.65 7.28
C THR A 266 -5.34 0.47 6.84
N GLY A 267 -4.11 0.46 7.33
CA GLY A 267 -3.14 1.46 6.90
C GLY A 267 -3.55 2.88 7.30
N SER A 268 -3.19 3.92 6.54
CA SER A 268 -2.40 3.82 5.31
C SER A 268 -1.00 3.24 5.51
N ALA A 269 -0.32 2.98 4.39
CA ALA A 269 1.08 2.54 4.43
C ALA A 269 1.93 3.55 5.21
N HIS A 270 1.81 4.84 4.91
CA HIS A 270 2.61 5.82 5.64
CA HIS A 270 2.60 5.83 5.63
C HIS A 270 2.22 5.87 7.11
N PHE A 271 0.93 5.70 7.41
CA PHE A 271 0.52 5.68 8.80
C PHE A 271 1.18 4.53 9.54
N ASN A 272 1.17 3.35 8.92
CA ASN A 272 1.81 2.18 9.53
C ASN A 272 3.29 2.45 9.77
N ARG A 273 3.98 2.99 8.77
CA ARG A 273 5.42 3.22 8.92
C ARG A 273 5.72 4.19 10.05
N SER A 274 4.92 5.26 10.16
CA SER A 274 5.14 6.25 11.23
C SER A 274 4.86 5.64 12.61
N MET A 275 3.85 4.78 12.71
CA MET A 275 3.54 4.13 13.98
C MET A 275 4.64 3.14 14.36
N ARG A 276 5.16 2.39 13.37
CA ARG A 276 6.22 1.42 13.65
C ARG A 276 7.53 2.12 13.99
N ALA A 277 7.78 3.27 13.36
CA ALA A 277 8.94 4.08 13.73
C ALA A 277 8.84 4.55 15.17
N LEU A 278 7.67 5.02 15.58
CA LEU A 278 7.49 5.42 16.98
C LEU A 278 7.73 4.26 17.92
N ALA A 279 7.17 3.09 17.60
CA ALA A 279 7.39 1.93 18.43
C ALA A 279 8.88 1.64 18.58
N LYS A 280 9.64 1.77 17.50
CA LYS A 280 11.08 1.50 17.58
C LYS A 280 11.80 2.48 18.49
N THR A 281 11.37 3.75 18.54
CA THR A 281 12.00 4.69 19.46
C THR A 281 11.79 4.28 20.91
N LYS A 282 10.79 3.43 21.18
CA LYS A 282 10.50 3.00 22.53
C LYS A 282 11.03 1.61 22.83
N GLY A 283 11.90 1.07 21.98
CA GLY A 283 12.33 -0.30 22.17
C GLY A 283 11.24 -1.31 21.95
N MET A 284 10.21 -0.96 21.18
CA MET A 284 9.11 -1.84 20.86
C MET A 284 9.12 -2.15 19.36
N SER A 285 8.26 -3.07 18.95
CA SER A 285 8.16 -3.43 17.54
C SER A 285 6.72 -3.74 17.21
N LEU A 286 6.23 -3.21 16.09
CA LEU A 286 4.87 -3.41 15.66
C LEU A 286 4.86 -4.03 14.27
N SER A 287 4.20 -5.17 14.14
CA SER A 287 4.04 -5.84 12.85
C SER A 287 2.57 -6.21 12.69
N GLU A 288 2.24 -6.79 11.55
CA GLU A 288 0.90 -7.30 11.32
C GLU A 288 0.54 -8.41 12.31
N HIS A 289 1.54 -9.02 12.95
CA HIS A 289 1.32 -10.12 13.89
C HIS A 289 1.11 -9.64 15.32
N ALA A 290 1.86 -8.64 15.79
CA ALA A 290 1.89 -8.38 17.22
C ALA A 290 2.59 -7.07 17.49
N LEU A 291 2.29 -6.51 18.67
CA LEU A 291 3.09 -5.46 19.28
C LEU A 291 3.98 -6.11 20.33
N SER A 292 5.28 -5.91 20.21
CA SER A 292 6.25 -6.50 21.13
C SER A 292 7.01 -5.39 21.86
N THR A 293 7.38 -5.69 23.10
CA THR A 293 8.14 -4.79 23.95
C THR A 293 9.47 -5.43 24.33
N ALA A 294 10.37 -4.60 24.84
CA ALA A 294 11.73 -5.00 25.22
C ALA A 294 12.43 -5.68 24.05
N VAL A 295 12.22 -5.15 22.85
CA VAL A 295 12.95 -5.61 21.68
C VAL A 295 14.38 -5.11 21.74
N VAL A 296 15.33 -5.96 21.36
CA VAL A 296 16.75 -5.65 21.40
C VAL A 296 17.25 -5.43 19.97
N ARG A 297 17.88 -4.28 19.74
CA ARG A 297 18.40 -3.92 18.43
C ARG A 297 19.86 -3.48 18.56
N ASN A 298 20.59 -3.55 17.43
CA ASN A 298 21.95 -3.07 17.34
C ASN A 298 21.95 -1.59 16.95
N THR A 299 23.14 -1.01 16.76
CA THR A 299 23.22 0.43 16.49
C THR A 299 22.66 0.79 15.13
N HIS A 300 22.38 -0.19 14.27
CA HIS A 300 21.82 0.07 12.95
C HIS A 300 20.30 -0.02 12.94
N GLY A 301 19.68 -0.23 14.09
CA GLY A 301 18.24 -0.40 14.17
C GLY A 301 17.75 -1.79 13.87
N CYS A 302 18.64 -2.77 13.72
CA CYS A 302 18.23 -4.11 13.33
C CYS A 302 17.98 -4.98 14.55
N LYS A 303 16.89 -5.74 14.50
CA LYS A 303 16.53 -6.63 15.60
C LYS A 303 17.60 -7.68 15.79
N VAL A 304 18.14 -7.78 17.01
CA VAL A 304 19.02 -8.87 17.38
C VAL A 304 18.48 -9.70 18.53
N GLY A 305 17.37 -9.27 19.15
CA GLY A 305 16.73 -10.03 20.20
C GLY A 305 15.24 -9.79 20.18
N PRO A 306 14.44 -10.84 20.43
CA PRO A 306 13.02 -10.82 20.01
C PRO A 306 12.06 -9.97 20.85
N GLY A 307 12.32 -9.73 22.13
CA GLY A 307 11.28 -9.12 22.95
C GLY A 307 10.15 -10.11 23.26
N ARG A 308 9.06 -9.58 23.81
CA ARG A 308 7.88 -10.38 24.13
C ARG A 308 6.61 -9.72 23.62
N VAL A 309 5.65 -10.56 23.22
CA VAL A 309 4.39 -10.08 22.67
C VAL A 309 3.51 -9.52 23.78
N LEU A 310 2.90 -8.33 23.53
CA LEU A 310 1.95 -7.71 24.44
C LEU A 310 0.53 -8.09 24.02
N PRO A 311 -0.37 -8.38 24.97
CA PRO A 311 -1.77 -8.66 24.59
C PRO A 311 -2.43 -7.40 24.03
N THR A 312 -2.96 -7.51 22.81
CA THR A 312 -3.68 -6.41 22.16
C THR A 312 -5.01 -6.88 21.61
N PRO A 313 -6.06 -6.92 22.44
CA PRO A 313 -7.36 -7.39 21.95
C PRO A 313 -8.04 -6.43 20.99
N THR A 314 -7.74 -5.13 21.07
CA THR A 314 -8.40 -4.14 20.24
C THR A 314 -7.35 -3.17 19.70
N GLU A 315 -7.72 -2.46 18.63
CA GLU A 315 -6.83 -1.45 18.09
C GLU A 315 -6.50 -0.39 19.14
N LYS A 316 -7.51 0.00 19.93
CA LYS A 316 -7.27 0.99 20.98
C LYS A 316 -6.16 0.55 21.92
N ASP A 317 -6.08 -0.75 22.20
CA ASP A 317 -4.98 -1.25 23.04
C ASP A 317 -3.62 -0.93 22.44
N VAL A 318 -3.48 -1.06 21.12
CA VAL A 318 -2.18 -0.82 20.49
C VAL A 318 -1.78 0.64 20.68
N PHE A 319 -2.67 1.58 20.33
CA PHE A 319 -2.39 2.99 20.58
C PHE A 319 -2.03 3.24 22.04
N ARG A 320 -2.85 2.69 22.95
CA ARG A 320 -2.66 2.92 24.37
C ARG A 320 -1.26 2.47 24.82
N LEU A 321 -0.84 1.28 24.38
CA LEU A 321 0.46 0.76 24.80
C LEU A 321 1.62 1.57 24.22
N LEU A 322 1.39 2.29 23.12
CA LEU A 322 2.38 3.17 22.53
C LEU A 322 2.28 4.61 23.04
N GLY A 323 1.41 4.89 24.02
CA GLY A 323 1.28 6.24 24.51
C GLY A 323 0.62 7.21 23.53
N LEU A 324 -0.23 6.71 22.63
CA LEU A 324 -0.82 7.51 21.56
C LEU A 324 -2.33 7.67 21.73
N PRO A 325 -2.89 8.83 21.41
CA PRO A 325 -4.36 8.93 21.32
C PRO A 325 -4.89 8.12 20.15
N TYR A 326 -6.02 7.45 20.39
CA TYR A 326 -6.66 6.66 19.34
C TYR A 326 -7.03 7.54 18.15
N ARG A 327 -6.79 7.02 16.94
CA ARG A 327 -7.20 7.66 15.70
C ARG A 327 -8.12 6.71 14.93
N GLU A 328 -9.31 7.19 14.58
CA GLU A 328 -10.25 6.43 13.77
C GLU A 328 -9.67 6.17 12.38
N PRO A 329 -10.10 5.09 11.73
CA PRO A 329 -9.52 4.74 10.42
C PRO A 329 -9.53 5.89 9.41
N ALA A 330 -10.62 6.65 9.33
CA ALA A 330 -10.68 7.79 8.41
C ALA A 330 -9.59 8.83 8.67
N GLU A 331 -9.02 8.86 9.87
CA GLU A 331 -7.97 9.82 10.19
C GLU A 331 -6.56 9.26 9.99
N ARG A 332 -6.42 8.10 9.35
CA ARG A 332 -5.13 7.44 9.20
C ARG A 332 -4.57 7.56 7.78
N ASP A 333 -4.93 8.61 7.04
CA ASP A 333 -4.33 8.72 5.71
C ASP A 333 -2.85 9.03 5.78
N TRP A 334 -2.39 9.60 6.88
CA TRP A 334 -0.98 9.96 7.02
C TRP A 334 -0.52 9.83 8.46
#